data_5NRK
#
_entry.id   5NRK
#
_cell.length_a   46.539
_cell.length_b   79.809
_cell.length_c   112.159
_cell.angle_alpha   90.000
_cell.angle_beta   90.000
_cell.angle_gamma   90.000
#
_symmetry.space_group_name_H-M   'P 21 21 21'
#
loop_
_entity.id
_entity.type
_entity.pdbx_description
1 polymer Endoglucanase
2 polymer 'DocCel5: Type I dockerin repeat domain from A. cellulolyticus family 5 endoglucanase WP_010249057 S15I, I16N mutant'
3 non-polymer 'CALCIUM ION'
4 non-polymer 'THIOCYANATE ION'
5 non-polymer GLYCEROL
6 water water
#
loop_
_entity_poly.entity_id
_entity_poly.type
_entity_poly.pdbx_seq_one_letter_code
_entity_poly.pdbx_strand_id
1 'polypeptide(L)'
;MQTGFNLSIDTVEGNPGSSVVVPVKLSGISKNGISTADFTVTYDATKLEYISGDAGSIVTNPGVNFGINKESDGKLKVLF
LDYTMSTGYISTDGVFANLNFNIKSSAAIGSKAEVSISGTPTFGDSTLTPVVAKVTNGAVNLE
;
A,C
2 'polypeptide(L)' KPGDVDGNGSININDFALMRNYLLGNLKDFPAEDDIKAGDLNGDKSINSLDFAIMRMYLLGMITKFSV B,D
#
loop_
_chem_comp.id
_chem_comp.type
_chem_comp.name
_chem_comp.formula
CA non-polymer 'CALCIUM ION' 'Ca 2'
GOL non-polymer GLYCEROL 'C3 H8 O3'
SCN non-polymer 'THIOCYANATE ION' 'C N S -1'
#
# COMPACT_ATOMS: atom_id res chain seq x y z
N MET A 1 23.48 -29.99 -9.00
CA MET A 1 24.10 -29.39 -10.21
C MET A 1 23.62 -27.94 -10.34
N GLN A 2 24.42 -27.08 -10.99
CA GLN A 2 24.04 -25.67 -11.14
C GLN A 2 22.76 -25.60 -11.93
N THR A 3 21.88 -24.70 -11.53
CA THR A 3 20.61 -24.57 -12.23
C THR A 3 20.76 -23.96 -13.64
N GLY A 4 19.86 -24.38 -14.54
CA GLY A 4 19.68 -23.69 -15.84
C GLY A 4 18.75 -22.48 -15.80
N PHE A 5 18.07 -22.27 -14.68
CA PHE A 5 17.15 -21.12 -14.52
C PHE A 5 17.93 -19.85 -14.26
N ASN A 6 17.78 -18.87 -15.14
CA ASN A 6 18.56 -17.63 -15.10
C ASN A 6 17.66 -16.42 -14.98
N LEU A 7 18.06 -15.47 -14.14
CA LEU A 7 17.52 -14.10 -14.11
C LEU A 7 18.65 -13.21 -14.57
N SER A 8 18.48 -12.51 -15.68
CA SER A 8 19.58 -11.71 -16.24
C SER A 8 19.13 -10.31 -16.58
N ILE A 9 20.02 -9.36 -16.35
CA ILE A 9 19.80 -7.98 -16.73
C ILE A 9 20.75 -7.67 -17.86
N ASP A 10 20.21 -7.14 -18.96
CA ASP A 10 21.02 -6.86 -20.13
C ASP A 10 22.06 -5.76 -19.85
N THR A 11 23.12 -5.82 -20.63
CA THR A 11 24.08 -4.72 -20.75
C THR A 11 23.79 -4.00 -22.06
N VAL A 12 23.55 -2.69 -21.99
CA VAL A 12 23.07 -1.92 -23.14
C VAL A 12 23.90 -0.65 -23.24
N GLU A 13 23.94 -0.06 -24.43
CA GLU A 13 24.62 1.21 -24.63
C GLU A 13 23.64 2.35 -24.47
N GLY A 14 24.11 3.44 -23.89
CA GLY A 14 23.27 4.62 -23.71
C GLY A 14 24.07 5.90 -23.89
N ASN A 15 23.38 6.98 -24.18
CA ASN A 15 24.03 8.28 -24.41
C ASN A 15 23.58 9.29 -23.37
N PRO A 16 24.54 9.96 -22.70
CA PRO A 16 24.16 10.99 -21.74
C PRO A 16 23.18 12.01 -22.34
N GLY A 17 22.15 12.34 -21.58
CA GLY A 17 21.13 13.28 -22.05
C GLY A 17 19.99 12.57 -22.76
N SER A 18 20.18 11.30 -23.09
CA SER A 18 19.16 10.51 -23.77
C SER A 18 18.46 9.57 -22.80
N SER A 19 17.81 8.54 -23.34
CA SER A 19 17.09 7.58 -22.51
C SER A 19 17.42 6.21 -23.04
N VAL A 20 17.08 5.19 -22.26
CA VAL A 20 17.41 3.83 -22.62
C VAL A 20 16.45 2.86 -21.93
N VAL A 21 16.22 1.71 -22.55
CA VAL A 21 15.54 0.59 -21.92
C VAL A 21 16.53 -0.51 -21.57
N VAL A 22 16.40 -1.03 -20.36
CA VAL A 22 17.21 -2.15 -19.87
C VAL A 22 16.30 -3.35 -19.64
N PRO A 23 16.35 -4.35 -20.53
CA PRO A 23 15.54 -5.54 -20.34
C PRO A 23 16.07 -6.45 -19.24
N VAL A 24 15.13 -7.06 -18.53
CA VAL A 24 15.40 -8.06 -17.49
C VAL A 24 14.74 -9.34 -17.97
N LYS A 25 15.51 -10.43 -18.03
CA LYS A 25 15.04 -11.66 -18.67
CA LYS A 25 15.04 -11.66 -18.67
C LYS A 25 15.05 -12.85 -17.74
N LEU A 26 14.15 -13.79 -18.02
CA LEU A 26 14.19 -15.12 -17.43
C LEU A 26 14.48 -16.13 -18.53
N SER A 27 15.29 -17.11 -18.22
CA SER A 27 15.52 -18.20 -19.16
C SER A 27 15.72 -19.50 -18.42
N GLY A 28 15.60 -20.62 -19.12
CA GLY A 28 15.69 -21.91 -18.46
C GLY A 28 14.60 -22.19 -17.45
N ILE A 29 13.42 -21.64 -17.68
CA ILE A 29 12.30 -21.87 -16.78
C ILE A 29 11.94 -23.36 -16.80
N SER A 30 11.84 -23.95 -15.61
CA SER A 30 11.53 -25.36 -15.51
C SER A 30 10.08 -25.63 -15.82
N LYS A 31 9.75 -26.91 -15.94
CA LYS A 31 8.42 -27.30 -16.38
CA LYS A 31 8.43 -27.29 -16.39
C LYS A 31 7.31 -26.82 -15.45
N ASN A 32 7.61 -26.63 -14.17
CA ASN A 32 6.59 -26.14 -13.26
C ASN A 32 6.32 -24.66 -13.39
N GLY A 33 7.13 -23.94 -14.16
CA GLY A 33 6.84 -22.55 -14.39
C GLY A 33 7.16 -21.66 -13.20
N ILE A 34 6.85 -20.39 -13.35
CA ILE A 34 7.05 -19.38 -12.29
C ILE A 34 5.71 -18.79 -11.94
N SER A 35 5.29 -19.02 -10.71
CA SER A 35 4.08 -18.44 -10.18
C SER A 35 4.36 -17.26 -9.26
N THR A 36 5.50 -17.01 -8.74
CA THR A 36 5.69 -15.85 -7.90
C THR A 36 7.10 -15.39 -8.13
N ALA A 37 7.28 -14.09 -7.97
CA ALA A 37 8.63 -13.55 -7.92
C ALA A 37 8.66 -12.27 -7.14
N ASP A 38 9.75 -12.02 -6.42
CA ASP A 38 9.97 -10.70 -5.86
C ASP A 38 11.47 -10.49 -5.73
N PHE A 39 11.93 -9.32 -6.16
CA PHE A 39 13.34 -9.02 -6.07
C PHE A 39 13.54 -7.53 -6.16
N THR A 40 14.73 -7.12 -5.75
CA THR A 40 15.17 -5.72 -5.78
C THR A 40 16.17 -5.50 -6.89
N VAL A 41 15.96 -4.42 -7.66
CA VAL A 41 16.92 -3.98 -8.68
C VAL A 41 17.52 -2.68 -8.19
N THR A 42 18.84 -2.64 -8.04
CA THR A 42 19.52 -1.38 -7.79
C THR A 42 20.09 -0.84 -9.07
N TYR A 43 20.07 0.48 -9.21
CA TYR A 43 20.66 1.12 -10.39
C TYR A 43 21.39 2.36 -9.90
N ASP A 44 22.33 2.82 -10.71
CA ASP A 44 23.15 3.96 -10.33
C ASP A 44 22.37 5.25 -10.54
N ALA A 45 21.76 5.74 -9.47
CA ALA A 45 20.92 6.92 -9.53
C ALA A 45 21.72 8.22 -9.70
N THR A 46 23.04 8.14 -9.58
CA THR A 46 23.87 9.31 -9.89
C THR A 46 23.92 9.56 -11.38
N LYS A 47 23.58 8.56 -12.20
CA LYS A 47 23.64 8.62 -13.66
C LYS A 47 22.30 8.41 -14.36
N LEU A 48 21.42 7.62 -13.76
CA LEU A 48 20.16 7.21 -14.36
C LEU A 48 19.01 7.71 -13.53
N GLU A 49 17.96 8.16 -14.21
CA GLU A 49 16.69 8.53 -13.58
C GLU A 49 15.62 7.58 -14.06
N TYR A 50 15.07 6.79 -13.15
CA TYR A 50 14.01 5.87 -13.48
C TYR A 50 12.76 6.60 -13.95
N ILE A 51 12.23 6.15 -15.09
CA ILE A 51 10.97 6.69 -15.62
C ILE A 51 9.83 5.76 -15.23
N SER A 52 9.97 4.49 -15.59
CA SER A 52 8.90 3.52 -15.43
C SER A 52 9.43 2.14 -15.73
N GLY A 53 8.65 1.14 -15.38
CA GLY A 53 8.97 -0.23 -15.70
C GLY A 53 7.74 -0.92 -16.25
N ASP A 54 7.91 -1.72 -17.28
CA ASP A 54 6.81 -2.39 -17.96
C ASP A 54 6.99 -3.90 -17.83
N ALA A 55 5.91 -4.62 -17.65
CA ALA A 55 5.95 -6.07 -17.73
C ALA A 55 6.45 -6.50 -19.09
N GLY A 56 7.31 -7.51 -19.09
CA GLY A 56 7.77 -8.09 -20.33
C GLY A 56 6.78 -9.03 -20.97
N SER A 57 7.07 -9.44 -22.21
CA SER A 57 6.15 -10.23 -22.99
C SER A 57 5.82 -11.61 -22.41
N ILE A 58 6.72 -12.16 -21.58
CA ILE A 58 6.48 -13.48 -21.00
C ILE A 58 5.49 -13.48 -19.83
N VAL A 59 5.19 -12.28 -19.31
CA VAL A 59 4.40 -12.15 -18.09
C VAL A 59 2.93 -12.40 -18.40
N THR A 60 2.33 -13.32 -17.65
CA THR A 60 0.91 -13.57 -17.80
C THR A 60 0.08 -12.44 -17.18
N ASN A 61 -1.11 -12.20 -17.74
CA ASN A 61 -2.07 -11.19 -17.26
CA ASN A 61 -2.07 -11.17 -17.26
C ASN A 61 -1.36 -10.04 -16.54
N PRO A 62 -0.49 -9.33 -17.25
CA PRO A 62 0.43 -8.40 -16.59
C PRO A 62 -0.24 -7.26 -15.88
N GLY A 63 -1.38 -6.83 -16.37
CA GLY A 63 -2.09 -5.73 -15.72
C GLY A 63 -2.40 -5.98 -14.27
N VAL A 64 -2.63 -7.23 -13.92
CA VAL A 64 -2.95 -7.69 -12.57
CA VAL A 64 -2.87 -7.55 -12.51
C VAL A 64 -1.72 -8.32 -11.90
N ASN A 65 -1.04 -9.17 -12.64
CA ASN A 65 -0.03 -10.04 -12.02
C ASN A 65 1.31 -9.38 -11.73
N PHE A 66 1.62 -8.28 -12.41
CA PHE A 66 2.94 -7.65 -12.33
C PHE A 66 2.87 -6.31 -11.65
N GLY A 67 3.88 -6.03 -10.85
CA GLY A 67 4.04 -4.71 -10.27
C GLY A 67 5.51 -4.34 -10.16
N ILE A 68 5.78 -3.04 -10.24
CA ILE A 68 7.12 -2.52 -10.05
C ILE A 68 7.01 -1.14 -9.45
N ASN A 69 7.91 -0.84 -8.52
CA ASN A 69 7.86 0.43 -7.81
C ASN A 69 9.25 0.91 -7.48
N LYS A 70 9.47 2.21 -7.62
CA LYS A 70 10.66 2.85 -7.13
C LYS A 70 10.50 3.13 -5.66
N GLU A 71 11.20 2.36 -4.84
CA GLU A 71 11.13 2.54 -3.39
C GLU A 71 11.87 3.81 -2.98
N SER A 72 13.00 4.05 -3.62
CA SER A 72 13.82 5.23 -3.41
C SER A 72 14.71 5.39 -4.62
N ASP A 73 15.33 6.54 -4.80
CA ASP A 73 16.16 6.74 -5.99
C ASP A 73 17.31 5.73 -5.96
N GLY A 74 17.37 4.89 -6.98
CA GLY A 74 18.36 3.83 -7.09
C GLY A 74 17.89 2.45 -6.68
N LYS A 75 16.63 2.30 -6.26
CA LYS A 75 16.16 1.02 -5.73
C LYS A 75 14.73 0.75 -6.20
N LEU A 76 14.58 -0.29 -7.00
CA LEU A 76 13.29 -0.74 -7.48
C LEU A 76 12.90 -2.04 -6.83
N LYS A 77 11.60 -2.20 -6.56
N LYS A 77 11.60 -2.19 -6.56
CA LYS A 77 11.03 -3.45 -6.10
CA LYS A 77 11.03 -3.44 -6.10
C LYS A 77 10.15 -4.01 -7.19
C LYS A 77 10.15 -4.01 -7.19
N VAL A 78 10.35 -5.29 -7.52
CA VAL A 78 9.64 -5.95 -8.60
C VAL A 78 8.86 -7.11 -8.02
N LEU A 79 7.64 -7.32 -8.52
CA LEU A 79 6.72 -8.30 -7.94
C LEU A 79 5.90 -8.95 -9.03
N PHE A 80 5.80 -10.28 -8.98
CA PHE A 80 4.93 -11.03 -9.86
C PHE A 80 4.19 -12.06 -9.05
N LEU A 81 2.89 -12.19 -9.33
CA LEU A 81 2.07 -13.29 -8.79
C LEU A 81 1.05 -13.66 -9.83
N ASP A 82 0.90 -14.97 -10.07
CA ASP A 82 -0.27 -15.46 -10.79
C ASP A 82 -1.48 -15.30 -9.88
N TYR A 83 -2.29 -14.26 -10.08
CA TYR A 83 -3.42 -14.02 -9.18
C TYR A 83 -4.46 -15.15 -9.21
N THR A 84 -4.44 -16.00 -10.24
CA THR A 84 -5.33 -17.19 -10.25
C THR A 84 -4.77 -18.35 -9.42
N MET A 85 -3.47 -18.33 -9.16
CA MET A 85 -2.75 -19.46 -8.59
C MET A 85 -3.20 -20.80 -9.17
N SER A 86 -3.30 -20.81 -10.48
CA SER A 86 -3.73 -21.98 -11.23
C SER A 86 -3.26 -22.01 -12.69
N THR A 87 -3.66 -21.06 -13.48
CA THR A 87 -3.53 -21.10 -14.92
C THR A 87 -2.55 -20.08 -15.48
N GLY A 88 -1.85 -19.37 -14.61
CA GLY A 88 -1.12 -18.21 -15.03
C GLY A 88 0.32 -18.18 -14.64
N TYR A 89 0.92 -19.34 -14.45
CA TYR A 89 2.37 -19.38 -14.27
C TYR A 89 3.05 -18.96 -15.60
N ILE A 90 4.21 -18.35 -15.46
CA ILE A 90 5.06 -18.04 -16.60
C ILE A 90 5.78 -19.31 -17.03
N SER A 91 5.69 -19.63 -18.32
CA SER A 91 6.31 -20.83 -18.90
C SER A 91 7.30 -20.54 -20.02
N THR A 92 7.32 -19.31 -20.51
CA THR A 92 8.06 -18.93 -21.70
C THR A 92 9.30 -18.14 -21.31
N ASP A 93 10.47 -18.52 -21.82
CA ASP A 93 11.70 -17.77 -21.62
C ASP A 93 11.65 -16.46 -22.42
N GLY A 94 12.19 -15.38 -21.85
CA GLY A 94 12.25 -14.12 -22.55
C GLY A 94 12.25 -12.95 -21.60
N VAL A 95 11.77 -11.81 -22.08
CA VAL A 95 11.79 -10.58 -21.30
C VAL A 95 10.69 -10.61 -20.24
N PHE A 96 11.13 -10.43 -19.00
CA PHE A 96 10.28 -10.35 -17.82
C PHE A 96 9.90 -8.91 -17.46
N ALA A 97 10.83 -7.97 -17.62
CA ALA A 97 10.55 -6.56 -17.35
C ALA A 97 11.42 -5.72 -18.24
N ASN A 98 10.90 -4.56 -18.62
CA ASN A 98 11.67 -3.55 -19.34
C ASN A 98 11.74 -2.33 -18.44
N LEU A 99 12.96 -1.93 -18.08
CA LEU A 99 13.21 -0.78 -17.21
C LEU A 99 13.59 0.43 -18.03
N ASN A 100 12.83 1.51 -17.92
CA ASN A 100 13.03 2.73 -18.72
C ASN A 100 13.72 3.78 -17.90
N PHE A 101 14.85 4.29 -18.38
CA PHE A 101 15.61 5.31 -17.69
C PHE A 101 15.95 6.50 -18.59
N ASN A 102 15.91 7.69 -18.01
CA ASN A 102 16.62 8.83 -18.58
C ASN A 102 18.05 8.77 -18.09
N ILE A 103 18.98 9.21 -18.93
CA ILE A 103 20.39 9.27 -18.58
C ILE A 103 20.76 10.73 -18.37
N LYS A 104 21.26 11.07 -17.19
CA LYS A 104 21.60 12.45 -16.88
C LYS A 104 22.60 13.01 -17.85
N SER A 105 22.46 14.27 -18.22
CA SER A 105 23.44 14.91 -19.09
C SER A 105 24.83 15.00 -18.46
N SER A 106 24.89 15.02 -17.14
CA SER A 106 26.17 15.05 -16.41
C SER A 106 26.95 13.74 -16.49
N ALA A 107 26.30 12.64 -16.89
CA ALA A 107 26.96 11.34 -16.93
C ALA A 107 28.07 11.35 -17.97
N ALA A 108 29.22 10.80 -17.62
CA ALA A 108 30.39 10.85 -18.47
C ALA A 108 30.50 9.68 -19.43
N ILE A 109 30.84 9.98 -20.67
CA ILE A 109 31.13 8.92 -21.64
CA ILE A 109 31.14 8.93 -21.65
C ILE A 109 32.30 8.05 -21.17
N GLY A 110 32.24 6.78 -21.55
CA GLY A 110 33.26 5.80 -21.16
C GLY A 110 33.03 5.15 -19.83
N SER A 111 32.03 5.62 -19.08
CA SER A 111 31.71 5.09 -17.78
C SER A 111 30.47 4.22 -17.87
N LYS A 112 30.14 3.56 -16.77
CA LYS A 112 29.04 2.64 -16.73
C LYS A 112 28.08 3.03 -15.63
N ALA A 113 26.81 2.71 -15.85
CA ALA A 113 25.79 2.84 -14.82
C ALA A 113 25.28 1.42 -14.51
N GLU A 114 25.68 0.85 -13.37
CA GLU A 114 25.32 -0.52 -13.02
C GLU A 114 23.82 -0.64 -12.80
N VAL A 115 23.25 -1.78 -13.24
CA VAL A 115 21.87 -2.15 -12.97
C VAL A 115 21.94 -3.60 -12.51
N SER A 116 21.59 -3.88 -11.26
CA SER A 116 21.88 -5.17 -10.66
CA SER A 116 21.89 -5.16 -10.65
C SER A 116 20.76 -5.67 -9.80
N ILE A 117 20.75 -6.98 -9.56
CA ILE A 117 19.90 -7.56 -8.54
C ILE A 117 20.58 -7.38 -7.19
N SER A 118 19.85 -6.87 -6.21
CA SER A 118 20.36 -6.69 -4.85
C SER A 118 19.82 -7.77 -3.96
N GLY A 119 20.72 -8.54 -3.34
CA GLY A 119 20.31 -9.67 -2.53
C GLY A 119 20.02 -10.89 -3.39
N THR A 120 19.32 -11.84 -2.80
CA THR A 120 18.98 -13.09 -3.45
C THR A 120 17.54 -12.99 -3.92
N PRO A 121 17.26 -13.10 -5.24
CA PRO A 121 15.87 -12.93 -5.71
C PRO A 121 15.01 -14.14 -5.34
N THR A 122 13.73 -13.93 -5.06
CA THR A 122 12.83 -15.00 -4.72
C THR A 122 11.94 -15.35 -5.92
N PHE A 123 11.90 -16.63 -6.24
CA PHE A 123 10.99 -17.18 -7.24
C PHE A 123 10.29 -18.38 -6.65
N GLY A 124 9.01 -18.48 -6.92
CA GLY A 124 8.24 -19.67 -6.59
C GLY A 124 7.66 -20.31 -7.83
N ASP A 125 7.71 -21.62 -7.91
CA ASP A 125 7.10 -22.33 -9.04
C ASP A 125 5.59 -22.56 -8.78
N SER A 126 4.95 -23.30 -9.66
CA SER A 126 3.49 -23.48 -9.57
C SER A 126 3.07 -24.31 -8.36
N THR A 127 4.03 -24.99 -7.73
CA THR A 127 3.79 -25.71 -6.50
C THR A 127 4.08 -24.85 -5.26
N LEU A 128 4.44 -23.59 -5.48
CA LEU A 128 4.94 -22.70 -4.40
C LEU A 128 6.15 -23.24 -3.67
N THR A 129 6.98 -23.95 -4.42
CA THR A 129 8.31 -24.31 -3.97
C THR A 129 9.31 -23.26 -4.49
N PRO A 130 10.25 -22.78 -3.64
CA PRO A 130 11.25 -21.85 -4.09
C PRO A 130 12.14 -22.46 -5.15
N VAL A 131 12.48 -21.65 -6.14
CA VAL A 131 13.45 -22.05 -7.14
C VAL A 131 14.54 -20.98 -7.19
N VAL A 132 15.78 -21.47 -7.22
CA VAL A 132 16.94 -20.60 -7.19
C VAL A 132 17.31 -20.13 -8.59
N ALA A 133 17.54 -18.82 -8.76
CA ALA A 133 17.97 -18.27 -10.06
C ALA A 133 19.44 -18.01 -10.10
N LYS A 134 20.06 -18.35 -11.22
CA LYS A 134 21.40 -17.90 -11.53
C LYS A 134 21.31 -16.48 -12.05
N VAL A 135 21.96 -15.54 -11.35
CA VAL A 135 21.83 -14.10 -11.65
C VAL A 135 22.98 -13.61 -12.51
N THR A 136 22.66 -12.82 -13.53
CA THR A 136 23.64 -12.06 -14.29
C THR A 136 23.23 -10.60 -14.21
N ASN A 137 24.11 -9.77 -13.69
CA ASN A 137 23.85 -8.34 -13.57
C ASN A 137 24.24 -7.60 -14.83
N GLY A 138 23.70 -6.39 -14.99
CA GLY A 138 23.86 -5.61 -16.20
C GLY A 138 24.29 -4.18 -15.94
N ALA A 139 24.09 -3.35 -16.95
CA ALA A 139 24.59 -1.98 -16.93
C ALA A 139 24.16 -1.23 -18.15
N VAL A 140 24.22 0.09 -18.04
CA VAL A 140 24.17 0.98 -19.17
C VAL A 140 25.60 1.48 -19.39
N ASN A 141 26.18 1.10 -20.53
CA ASN A 141 27.50 1.58 -20.92
C ASN A 141 27.34 2.91 -21.62
N LEU A 142 27.92 3.96 -21.06
CA LEU A 142 27.69 5.31 -21.58
C LEU A 142 28.72 5.65 -22.63
N GLU A 143 28.23 6.11 -23.77
CA GLU A 143 29.09 6.49 -24.90
C GLU A 143 28.58 7.72 -25.61
N LYS B 1 -4.35 -15.17 13.38
CA LYS B 1 -3.05 -14.48 13.69
CA LYS B 1 -3.06 -14.48 13.68
C LYS B 1 -2.24 -14.48 12.38
N PRO B 2 -1.64 -15.64 11.95
CA PRO B 2 -0.97 -15.55 10.64
C PRO B 2 -1.91 -15.12 9.53
N GLY B 3 -1.44 -14.21 8.70
CA GLY B 3 -2.25 -13.61 7.65
C GLY B 3 -2.82 -12.25 8.02
N ASP B 4 -2.91 -11.95 9.31
CA ASP B 4 -3.54 -10.72 9.75
C ASP B 4 -2.42 -9.71 9.94
N VAL B 5 -1.92 -9.20 8.81
CA VAL B 5 -0.75 -8.34 8.88
C VAL B 5 -1.01 -6.95 9.44
N ASP B 6 -2.27 -6.50 9.50
CA ASP B 6 -2.55 -5.28 10.25
C ASP B 6 -3.00 -5.54 11.69
N GLY B 7 -3.05 -6.80 12.09
CA GLY B 7 -3.35 -7.13 13.48
C GLY B 7 -4.72 -6.69 13.94
N ASN B 8 -5.68 -6.60 13.01
CA ASN B 8 -7.02 -6.14 13.38
C ASN B 8 -8.02 -7.25 13.64
N GLY B 9 -7.58 -8.50 13.64
CA GLY B 9 -8.44 -9.64 13.93
C GLY B 9 -9.14 -10.30 12.76
N SER B 10 -9.03 -9.72 11.57
CA SER B 10 -9.64 -10.27 10.37
C SER B 10 -8.55 -10.50 9.34
N ILE B 11 -8.73 -11.49 8.47
CA ILE B 11 -7.85 -11.70 7.32
C ILE B 11 -8.68 -11.44 6.06
N ASN B 12 -8.33 -10.40 5.32
CA ASN B 12 -9.15 -9.96 4.22
C ASN B 12 -8.33 -9.18 3.17
N ILE B 13 -9.04 -8.56 2.22
CA ILE B 13 -8.46 -7.81 1.14
C ILE B 13 -7.42 -6.81 1.60
N ASN B 14 -7.62 -6.20 2.77
CA ASN B 14 -6.67 -5.19 3.21
C ASN B 14 -5.34 -5.78 3.65
N ASP B 15 -5.36 -6.99 4.20
CA ASP B 15 -4.10 -7.67 4.48
C ASP B 15 -3.36 -7.98 3.19
N PHE B 16 -4.11 -8.34 2.13
CA PHE B 16 -3.50 -8.58 0.82
C PHE B 16 -2.88 -7.30 0.25
N ALA B 17 -3.61 -6.21 0.34
CA ALA B 17 -3.13 -4.91 -0.10
C ALA B 17 -1.87 -4.51 0.66
N LEU B 18 -1.86 -4.71 1.98
CA LEU B 18 -0.70 -4.39 2.78
C LEU B 18 0.50 -5.22 2.35
N MET B 19 0.30 -6.51 2.17
CA MET B 19 1.39 -7.39 1.72
CA MET B 19 1.37 -7.39 1.71
C MET B 19 1.94 -6.94 0.37
N ARG B 20 1.04 -6.60 -0.57
CA ARG B 20 1.49 -6.15 -1.87
C ARG B 20 2.33 -4.88 -1.72
N ASN B 21 1.84 -3.94 -0.95
CA ASN B 21 2.55 -2.69 -0.70
C ASN B 21 3.88 -2.89 0.00
N TYR B 22 3.95 -3.82 0.93
CA TYR B 22 5.21 -4.15 1.58
C TYR B 22 6.22 -4.68 0.56
N LEU B 23 5.79 -5.60 -0.29
CA LEU B 23 6.69 -6.20 -1.27
C LEU B 23 7.11 -5.22 -2.37
N LEU B 24 6.35 -4.15 -2.56
CA LEU B 24 6.72 -3.09 -3.49
C LEU B 24 7.51 -1.95 -2.84
N GLY B 25 7.80 -2.04 -1.55
CA GLY B 25 8.53 -0.99 -0.87
C GLY B 25 7.74 0.25 -0.46
N ASN B 26 6.41 0.13 -0.40
CA ASN B 26 5.51 1.21 0.03
C ASN B 26 5.15 1.07 1.51
N LEU B 27 5.69 0.09 2.21
CA LEU B 27 5.62 -0.03 3.68
C LEU B 27 6.97 -0.45 4.22
N LYS B 28 7.39 0.10 5.35
CA LYS B 28 8.67 -0.33 5.94
C LYS B 28 8.47 -1.62 6.72
N ASP B 29 7.30 -1.72 7.34
CA ASP B 29 6.91 -2.95 8.01
C ASP B 29 5.38 -2.99 8.07
N PHE B 30 4.85 -3.94 8.84
CA PHE B 30 3.41 -4.14 8.99
C PHE B 30 2.91 -3.59 10.31
N PRO B 31 1.62 -3.21 10.37
CA PRO B 31 1.09 -2.73 11.65
C PRO B 31 1.08 -3.76 12.78
N ALA B 32 0.96 -5.05 12.44
CA ALA B 32 1.06 -6.11 13.45
C ALA B 32 2.41 -6.01 14.17
N GLU B 33 2.44 -6.22 15.47
CA GLU B 33 3.70 -6.09 16.23
C GLU B 33 4.72 -7.13 15.76
N ASP B 34 4.25 -8.35 15.54
CA ASP B 34 5.13 -9.45 15.19
C ASP B 34 4.97 -9.69 13.68
N ASP B 35 5.82 -9.02 12.92
CA ASP B 35 5.73 -9.03 11.47
C ASP B 35 5.88 -10.43 10.88
N ILE B 36 6.86 -11.19 11.39
CA ILE B 36 7.13 -12.50 10.83
C ILE B 36 5.98 -13.44 11.16
N LYS B 37 5.48 -13.39 12.38
CA LYS B 37 4.36 -14.23 12.73
C LYS B 37 3.14 -13.92 11.86
N ALA B 38 2.89 -12.64 11.59
CA ALA B 38 1.72 -12.26 10.80
C ALA B 38 1.90 -12.53 9.31
N GLY B 39 3.11 -12.35 8.81
CA GLY B 39 3.37 -12.34 7.36
C GLY B 39 3.95 -13.61 6.77
N ASP B 40 4.53 -14.46 7.61
CA ASP B 40 5.18 -15.69 7.14
C ASP B 40 4.17 -16.83 7.19
N LEU B 41 3.67 -17.17 6.03
CA LEU B 41 2.56 -18.12 5.92
C LEU B 41 3.01 -19.52 5.54
N ASN B 42 4.30 -19.70 5.28
CA ASN B 42 4.87 -21.03 5.01
C ASN B 42 5.97 -21.45 5.97
N GLY B 43 6.29 -20.63 6.98
CA GLY B 43 7.20 -21.05 8.03
C GLY B 43 8.68 -20.99 7.70
N ASP B 44 9.04 -20.32 6.61
CA ASP B 44 10.46 -20.18 6.27
C ASP B 44 11.15 -18.97 6.94
N LYS B 45 10.40 -18.25 7.77
CA LYS B 45 10.89 -17.09 8.53
C LYS B 45 11.23 -15.87 7.66
N SER B 46 10.73 -15.87 6.44
CA SER B 46 10.87 -14.75 5.49
CA SER B 46 10.85 -14.67 5.60
C SER B 46 9.48 -14.33 5.05
N ILE B 47 9.31 -13.06 4.72
CA ILE B 47 8.08 -12.57 4.13
C ILE B 47 8.38 -12.21 2.69
N ASN B 48 7.83 -12.97 1.75
CA ASN B 48 8.14 -12.72 0.34
C ASN B 48 6.98 -13.13 -0.54
N SER B 49 7.20 -13.20 -1.84
CA SER B 49 6.11 -13.45 -2.77
C SER B 49 5.44 -14.81 -2.63
N LEU B 50 6.12 -15.78 -2.03
CA LEU B 50 5.47 -17.05 -1.70
CA LEU B 50 5.45 -17.05 -1.74
C LEU B 50 4.35 -16.84 -0.69
N ASP B 51 4.61 -16.01 0.30
CA ASP B 51 3.58 -15.68 1.29
C ASP B 51 2.41 -14.93 0.67
N PHE B 52 2.71 -14.02 -0.26
CA PHE B 52 1.70 -13.28 -1.00
C PHE B 52 0.78 -14.24 -1.77
N ALA B 53 1.38 -15.23 -2.41
CA ALA B 53 0.64 -16.24 -3.13
C ALA B 53 -0.25 -17.05 -2.22
N ILE B 54 0.26 -17.42 -1.05
CA ILE B 54 -0.51 -18.20 -0.10
C ILE B 54 -1.72 -17.40 0.39
N MET B 55 -1.51 -16.13 0.67
CA MET B 55 -2.61 -15.27 1.06
CA MET B 55 -2.62 -15.28 1.07
C MET B 55 -3.67 -15.18 -0.04
N ARG B 56 -3.23 -15.06 -1.29
CA ARG B 56 -4.14 -15.04 -2.42
C ARG B 56 -4.97 -16.33 -2.45
N MET B 57 -4.33 -17.49 -2.30
CA MET B 57 -5.06 -18.75 -2.31
CA MET B 57 -5.07 -18.75 -2.31
C MET B 57 -6.13 -18.79 -1.22
N TYR B 58 -5.78 -18.28 -0.04
CA TYR B 58 -6.75 -18.22 1.06
C TYR B 58 -7.94 -17.30 0.73
N LEU B 59 -7.67 -16.12 0.18
CA LEU B 59 -8.75 -15.20 -0.14
C LEU B 59 -9.60 -15.67 -1.32
N LEU B 60 -9.04 -16.52 -2.18
CA LEU B 60 -9.81 -17.12 -3.27
C LEU B 60 -10.61 -18.35 -2.81
N GLY B 61 -10.39 -18.79 -1.59
CA GLY B 61 -11.04 -20.00 -1.09
C GLY B 61 -10.42 -21.31 -1.57
N MET B 62 -9.19 -21.25 -2.06
CA MET B 62 -8.49 -22.40 -2.58
CA MET B 62 -8.50 -22.42 -2.57
C MET B 62 -7.85 -23.24 -1.47
N ILE B 63 -7.58 -22.60 -0.33
CA ILE B 63 -7.11 -23.24 0.90
C ILE B 63 -7.94 -22.69 2.03
N THR B 64 -7.92 -23.41 3.15
CA THR B 64 -8.73 -23.10 4.30
C THR B 64 -7.92 -22.53 5.46
N LYS B 65 -6.64 -22.92 5.54
CA LYS B 65 -5.77 -22.51 6.60
C LYS B 65 -4.33 -22.53 6.13
N PHE B 66 -3.49 -21.87 6.91
CA PHE B 66 -2.07 -21.78 6.61
C PHE B 66 -1.31 -22.86 7.33
N SER B 67 -0.27 -23.33 6.68
CA SER B 67 0.49 -24.47 7.14
C SER B 67 1.71 -23.83 7.74
N VAL B 68 1.46 -23.30 8.94
CA VAL B 68 2.17 -22.23 9.65
C VAL B 68 3.65 -22.04 9.35
N MET C 1 -24.42 25.38 21.61
CA MET C 1 -24.03 23.94 21.46
C MET C 1 -23.54 23.66 20.06
N GLN C 2 -22.98 22.47 19.85
CA GLN C 2 -22.63 22.02 18.52
C GLN C 2 -23.89 21.63 17.74
N THR C 3 -24.05 22.24 16.58
CA THR C 3 -25.14 21.93 15.65
C THR C 3 -24.52 21.68 14.28
N GLY C 4 -25.27 21.00 13.46
CA GLY C 4 -24.79 20.63 12.15
C GLY C 4 -23.82 19.49 12.23
N PHE C 5 -23.17 19.19 11.11
CA PHE C 5 -22.25 18.08 11.03
C PHE C 5 -20.90 18.48 11.63
N ASN C 6 -20.48 17.74 12.64
CA ASN C 6 -19.29 18.02 13.43
C ASN C 6 -18.37 16.82 13.51
N LEU C 7 -17.07 17.08 13.39
CA LEU C 7 -16.00 16.15 13.72
C LEU C 7 -15.30 16.75 14.91
N SER C 8 -15.31 16.04 16.03
CA SER C 8 -14.81 16.62 17.27
C SER C 8 -13.90 15.64 17.97
N ILE C 9 -12.88 16.18 18.57
CA ILE C 9 -11.99 15.39 19.38
C ILE C 9 -12.22 15.78 20.82
N ASP C 10 -12.42 14.78 21.68
CA ASP C 10 -12.70 15.03 23.08
C ASP C 10 -11.51 15.71 23.78
N THR C 11 -11.86 16.40 24.87
CA THR C 11 -10.88 16.86 25.84
C THR C 11 -11.05 15.94 27.04
N VAL C 12 -9.96 15.28 27.41
CA VAL C 12 -9.95 14.26 28.44
C VAL C 12 -8.85 14.55 29.44
N GLU C 13 -9.00 14.04 30.65
CA GLU C 13 -7.99 14.15 31.67
C GLU C 13 -7.08 12.92 31.66
N GLY C 14 -5.81 13.15 31.97
CA GLY C 14 -4.81 12.09 31.86
C GLY C 14 -3.74 12.32 32.89
N ASN C 15 -3.07 11.24 33.26
CA ASN C 15 -1.99 11.31 34.24
C ASN C 15 -0.65 10.97 33.60
N PRO C 16 0.36 11.85 33.73
CA PRO C 16 1.68 11.51 33.22
C PRO C 16 2.15 10.14 33.71
N GLY C 17 2.68 9.35 32.79
CA GLY C 17 3.15 8.01 33.10
C GLY C 17 2.11 6.93 32.94
N SER C 18 0.85 7.33 32.71
CA SER C 18 -0.27 6.42 32.41
C SER C 18 -0.78 6.54 30.97
N SER C 19 -1.65 5.62 30.59
CA SER C 19 -2.29 5.69 29.30
C SER C 19 -3.62 6.45 29.34
N VAL C 20 -4.09 6.82 28.15
CA VAL C 20 -5.34 7.54 28.02
C VAL C 20 -5.97 7.26 26.67
N VAL C 21 -7.30 7.25 26.65
CA VAL C 21 -8.08 7.15 25.41
CA VAL C 21 -8.07 7.14 25.40
C VAL C 21 -8.65 8.51 25.03
N VAL C 22 -8.48 8.89 23.77
CA VAL C 22 -9.05 10.14 23.25
C VAL C 22 -10.06 9.80 22.16
N PRO C 23 -11.35 9.89 22.47
CA PRO C 23 -12.34 9.65 21.44
C PRO C 23 -12.43 10.75 20.41
N VAL C 24 -12.73 10.32 19.18
CA VAL C 24 -12.97 11.21 18.04
C VAL C 24 -14.40 10.90 17.62
N LYS C 25 -15.24 11.93 17.56
CA LYS C 25 -16.68 11.74 17.38
CA LYS C 25 -16.66 11.74 17.38
C LYS C 25 -17.21 12.44 16.16
N LEU C 26 -18.29 11.88 15.63
CA LEU C 26 -19.10 12.56 14.61
C LEU C 26 -20.45 12.87 15.21
N SER C 27 -20.98 14.03 14.91
CA SER C 27 -22.35 14.36 15.33
C SER C 27 -23.02 15.14 14.21
N GLY C 28 -24.34 15.17 14.25
CA GLY C 28 -25.12 15.88 13.24
C GLY C 28 -25.04 15.24 11.87
N ILE C 29 -24.81 13.94 11.81
CA ILE C 29 -24.79 13.25 10.51
C ILE C 29 -26.18 13.34 9.87
N SER C 30 -26.24 13.75 8.62
CA SER C 30 -27.52 13.84 7.91
C SER C 30 -28.03 12.45 7.52
N LYS C 31 -29.29 12.40 7.09
CA LYS C 31 -29.88 11.17 6.57
C LYS C 31 -29.07 10.57 5.41
N ASN C 32 -28.35 11.40 4.67
CA ASN C 32 -27.55 10.88 3.55
C ASN C 32 -26.32 10.08 4.01
N GLY C 33 -25.97 10.16 5.29
CA GLY C 33 -24.94 9.30 5.88
C GLY C 33 -23.54 9.67 5.48
N ILE C 34 -22.60 8.86 5.95
CA ILE C 34 -21.18 9.00 5.63
CA ILE C 34 -21.19 9.00 5.61
C ILE C 34 -20.69 7.68 5.07
N SER C 35 -20.28 7.69 3.81
CA SER C 35 -19.76 6.46 3.16
C SER C 35 -18.26 6.41 3.05
N THR C 36 -17.60 7.56 3.18
CA THR C 36 -16.15 7.60 3.14
C THR C 36 -15.63 8.78 3.93
N ALA C 37 -14.41 8.63 4.45
CA ALA C 37 -13.76 9.71 5.14
C ALA C 37 -12.26 9.53 5.09
N ASP C 38 -11.55 10.64 5.09
CA ASP C 38 -10.10 10.59 5.35
C ASP C 38 -9.71 11.90 5.98
N PHE C 39 -8.88 11.81 7.02
CA PHE C 39 -8.38 13.00 7.67
C PHE C 39 -7.12 12.69 8.44
N THR C 40 -6.45 13.78 8.81
CA THR C 40 -5.21 13.73 9.59
C THR C 40 -5.47 14.19 11.01
N VAL C 41 -4.99 13.41 11.96
CA VAL C 41 -4.98 13.83 13.37
C VAL C 41 -3.55 14.08 13.81
N THR C 42 -3.28 15.30 14.26
CA THR C 42 -1.98 15.61 14.84
C THR C 42 -2.11 15.56 16.34
N TYR C 43 -1.06 15.14 17.01
CA TYR C 43 -1.04 15.14 18.48
C TYR C 43 0.33 15.59 18.92
N ASP C 44 0.40 16.05 20.17
CA ASP C 44 1.65 16.54 20.73
C ASP C 44 2.51 15.34 21.08
N ALA C 45 3.39 14.97 20.16
CA ALA C 45 4.25 13.81 20.36
C ALA C 45 5.35 14.04 21.40
N THR C 46 5.56 15.30 21.84
CA THR C 46 6.50 15.56 22.92
C THR C 46 5.94 15.11 24.27
N LYS C 47 4.62 14.89 24.34
CA LYS C 47 3.94 14.46 25.58
C LYS C 47 3.21 13.12 25.47
N LEU C 48 2.78 12.75 24.27
CA LEU C 48 1.98 11.54 24.05
C LEU C 48 2.69 10.59 23.09
N GLU C 49 2.62 9.30 23.40
CA GLU C 49 3.14 8.25 22.53
C GLU C 49 1.95 7.45 22.02
N TYR C 50 1.72 7.48 20.72
CA TYR C 50 0.62 6.72 20.09
C TYR C 50 0.83 5.23 20.20
N ILE C 51 -0.18 4.53 20.70
CA ILE C 51 -0.16 3.07 20.81
C ILE C 51 -0.92 2.46 19.63
N SER C 52 -2.17 2.87 19.47
CA SER C 52 -3.06 2.28 18.48
C SER C 52 -4.33 3.10 18.38
N GLY C 53 -5.12 2.81 17.36
CA GLY C 53 -6.40 3.45 17.18
C GLY C 53 -7.43 2.40 16.84
N ASP C 54 -8.59 2.47 17.49
CA ASP C 54 -9.64 1.49 17.30
C ASP C 54 -10.84 2.15 16.64
N ALA C 55 -11.49 1.46 15.73
CA ALA C 55 -12.75 1.92 15.18
C ALA C 55 -13.78 2.12 16.29
N GLY C 56 -14.47 3.24 16.24
CA GLY C 56 -15.54 3.51 17.17
C GLY C 56 -16.80 2.72 16.85
N SER C 57 -17.74 2.74 17.80
CA SER C 57 -18.94 1.92 17.66
CA SER C 57 -18.99 1.98 17.67
C SER C 57 -19.86 2.31 16.49
N ILE C 58 -19.76 3.54 15.97
CA ILE C 58 -20.60 3.91 14.83
C ILE C 58 -20.06 3.37 13.50
N VAL C 59 -18.82 2.87 13.49
CA VAL C 59 -18.20 2.44 12.23
C VAL C 59 -18.73 1.07 11.82
N THR C 60 -19.23 1.00 10.59
CA THR C 60 -19.85 -0.23 10.09
C THR C 60 -18.82 -1.18 9.48
N ASN C 61 -18.82 -2.47 9.76
CA ASN C 61 -17.83 -3.52 9.30
C ASN C 61 -16.37 -3.08 9.41
N PRO C 62 -15.92 -2.74 10.58
CA PRO C 62 -14.63 -2.05 10.71
C PRO C 62 -13.42 -2.87 10.29
N GLY C 63 -13.49 -4.19 10.39
CA GLY C 63 -12.41 -5.06 9.96
C GLY C 63 -12.00 -4.88 8.52
N VAL C 64 -12.92 -4.44 7.68
CA VAL C 64 -12.67 -4.10 6.29
C VAL C 64 -12.68 -2.57 6.07
N ASN C 65 -13.64 -1.89 6.69
CA ASN C 65 -13.94 -0.51 6.30
C ASN C 65 -13.05 0.54 6.92
N PHE C 66 -12.39 0.23 8.03
CA PHE C 66 -11.65 1.22 8.80
C PHE C 66 -10.16 0.99 8.76
N GLY C 67 -9.40 2.07 8.66
CA GLY C 67 -7.94 1.99 8.79
C GLY C 67 -7.38 3.22 9.46
N ILE C 68 -6.28 3.04 10.20
CA ILE C 68 -5.59 4.17 10.82
CA ILE C 68 -5.59 4.14 10.88
C ILE C 68 -4.10 3.82 10.84
N ASN C 69 -3.27 4.82 10.55
CA ASN C 69 -1.83 4.60 10.46
C ASN C 69 -1.08 5.80 11.03
N LYS C 70 -0.03 5.53 11.80
CA LYS C 70 0.88 6.60 12.23
C LYS C 70 1.86 6.85 11.11
N GLU C 71 1.72 7.98 10.44
CA GLU C 71 2.61 8.36 9.36
C GLU C 71 4.00 8.77 9.89
N SER C 72 4.00 9.50 11.00
CA SER C 72 5.22 9.93 11.70
C SER C 72 4.82 10.30 13.12
N ASP C 73 5.77 10.47 14.02
CA ASP C 73 5.42 10.77 15.39
C ASP C 73 4.70 12.11 15.44
N GLY C 74 3.46 12.08 15.91
CA GLY C 74 2.63 13.27 16.00
C GLY C 74 1.63 13.39 14.88
N LYS C 75 1.58 12.44 13.94
CA LYS C 75 0.72 12.55 12.77
C LYS C 75 0.08 11.20 12.42
N LEU C 76 -1.25 11.14 12.52
CA LEU C 76 -2.03 9.96 12.17
C LEU C 76 -2.89 10.21 10.95
N LYS C 77 -3.02 9.17 10.12
CA LYS C 77 -3.91 9.20 8.97
CA LYS C 77 -3.91 9.18 8.96
C LYS C 77 -5.07 8.23 9.21
N VAL C 78 -6.29 8.71 9.06
CA VAL C 78 -7.50 7.94 9.34
C VAL C 78 -8.26 7.77 8.03
N LEU C 79 -8.80 6.57 7.82
CA LEU C 79 -9.49 6.25 6.56
C LEU C 79 -10.71 5.39 6.83
N PHE C 80 -11.84 5.76 6.25
CA PHE C 80 -13.04 4.93 6.29
C PHE C 80 -13.61 4.84 4.88
N LEU C 81 -14.06 3.65 4.51
CA LEU C 81 -14.87 3.45 3.29
C LEU C 81 -15.86 2.33 3.55
N ASP C 82 -17.13 2.53 3.18
CA ASP C 82 -18.07 1.44 3.09
C ASP C 82 -17.65 0.64 1.87
N TYR C 83 -16.96 -0.48 2.07
CA TYR C 83 -16.49 -1.27 0.91
C TYR C 83 -17.64 -1.82 0.06
N THR C 84 -18.85 -1.89 0.60
CA THR C 84 -20.01 -2.30 -0.22
C THR C 84 -20.54 -1.17 -1.09
N MET C 85 -20.21 0.08 -0.73
CA MET C 85 -20.83 1.28 -1.30
C MET C 85 -22.34 1.12 -1.50
N SER C 86 -22.99 0.59 -0.47
CA SER C 86 -24.42 0.28 -0.53
CA SER C 86 -24.41 0.34 -0.53
C SER C 86 -25.08 0.22 0.84
N THR C 87 -24.61 -0.69 1.68
CA THR C 87 -25.32 -1.02 2.93
C THR C 87 -24.58 -0.63 4.18
N GLY C 88 -23.47 0.08 4.03
CA GLY C 88 -22.60 0.31 5.14
C GLY C 88 -22.22 1.74 5.41
N TYR C 89 -23.03 2.69 4.97
CA TYR C 89 -22.79 4.10 5.36
C TYR C 89 -23.07 4.25 6.84
N ILE C 90 -22.35 5.17 7.45
CA ILE C 90 -22.55 5.51 8.86
C ILE C 90 -23.70 6.49 8.94
N SER C 91 -24.68 6.19 9.78
CA SER C 91 -25.88 6.99 9.94
C SER C 91 -26.07 7.53 11.36
N THR C 92 -25.30 7.00 12.30
CA THR C 92 -25.54 7.22 13.71
C THR C 92 -24.42 8.07 14.29
N ASP C 93 -24.80 9.13 15.00
CA ASP C 93 -23.83 9.97 15.71
C ASP C 93 -23.16 9.18 16.83
N GLY C 94 -21.88 9.46 17.05
CA GLY C 94 -21.19 8.88 18.20
C GLY C 94 -19.70 8.79 17.93
N VAL C 95 -19.07 7.81 18.56
CA VAL C 95 -17.61 7.68 18.49
C VAL C 95 -17.20 7.00 17.18
N PHE C 96 -16.37 7.71 16.44
CA PHE C 96 -15.79 7.25 15.17
C PHE C 96 -14.46 6.52 15.35
N ALA C 97 -13.63 7.00 16.27
CA ALA C 97 -12.37 6.35 16.56
C ALA C 97 -12.00 6.61 18.01
N ASN C 98 -11.31 5.64 18.60
CA ASN C 98 -10.72 5.80 19.91
C ASN C 98 -9.20 5.74 19.77
N LEU C 99 -8.53 6.85 20.12
CA LEU C 99 -7.07 6.93 19.98
C LEU C 99 -6.42 6.62 21.32
N ASN C 100 -5.51 5.66 21.31
CA ASN C 100 -4.87 5.19 22.53
C ASN C 100 -3.45 5.71 22.62
N PHE C 101 -3.14 6.42 23.71
CA PHE C 101 -1.81 7.00 23.92
C PHE C 101 -1.24 6.63 25.27
N ASN C 102 0.07 6.44 25.31
CA ASN C 102 0.81 6.52 26.58
C ASN C 102 1.26 7.95 26.80
N ILE C 103 1.10 8.42 28.03
CA ILE C 103 1.49 9.77 28.37
C ILE C 103 2.87 9.70 28.98
N LYS C 104 3.83 10.41 28.38
CA LYS C 104 5.21 10.40 28.87
C LYS C 104 5.26 10.86 30.33
N SER C 105 6.15 10.26 31.11
CA SER C 105 6.31 10.65 32.50
C SER C 105 6.84 12.09 32.64
N SER C 106 7.57 12.56 31.63
CA SER C 106 8.10 13.93 31.63
C SER C 106 7.03 14.99 31.40
N ALA C 107 5.84 14.59 30.96
CA ALA C 107 4.78 15.56 30.69
C ALA C 107 4.33 16.20 31.99
N ALA C 108 4.19 17.53 31.99
CA ALA C 108 3.99 18.28 33.23
C ALA C 108 2.52 18.35 33.61
N ILE C 109 2.25 18.08 34.88
CA ILE C 109 0.93 18.28 35.46
C ILE C 109 0.53 19.76 35.32
N GLY C 110 -0.76 19.99 35.02
CA GLY C 110 -1.26 21.32 34.74
C GLY C 110 -1.10 21.81 33.32
N SER C 111 -0.41 21.04 32.47
CA SER C 111 -0.23 21.38 31.06
C SER C 111 -1.19 20.55 30.23
N LYS C 112 -1.25 20.87 28.87
CA LYS C 112 -2.11 20.05 28.01
C LYS C 112 -1.35 19.48 26.82
N ALA C 113 -1.78 18.39 26.29
CA ALA C 113 -1.23 17.80 25.08
C ALA C 113 -2.32 17.86 24.03
N GLU C 114 -2.14 18.77 23.05
CA GLU C 114 -3.15 18.98 22.03
C GLU C 114 -3.32 17.74 21.14
N VAL C 115 -4.56 17.48 20.75
CA VAL C 115 -4.89 16.44 19.76
C VAL C 115 -5.86 17.14 18.80
N SER C 116 -5.49 17.25 17.53
N SER C 116 -5.47 17.29 17.54
CA SER C 116 -6.21 18.13 16.62
CA SER C 116 -6.16 18.18 16.62
C SER C 116 -6.36 17.56 15.23
C SER C 116 -6.41 17.51 15.28
N ILE C 117 -7.35 18.08 14.51
CA ILE C 117 -7.48 17.77 13.09
C ILE C 117 -6.58 18.74 12.33
N SER C 118 -5.78 18.21 11.43
CA SER C 118 -4.89 19.03 10.61
C SER C 118 -5.44 19.12 9.20
N GLY C 119 -5.71 20.34 8.73
CA GLY C 119 -6.32 20.55 7.42
C GLY C 119 -7.84 20.42 7.48
N THR C 120 -8.46 20.34 6.31
CA THR C 120 -9.91 20.17 6.20
C THR C 120 -10.19 18.69 5.98
N PRO C 121 -10.93 18.06 6.87
CA PRO C 121 -11.19 16.64 6.72
C PRO C 121 -12.10 16.36 5.51
N THR C 122 -11.93 15.22 4.85
CA THR C 122 -12.77 14.84 3.72
C THR C 122 -13.78 13.82 4.15
N PHE C 123 -15.05 14.10 3.86
CA PHE C 123 -16.17 13.18 4.04
C PHE C 123 -16.98 13.13 2.77
N GLY C 124 -17.49 11.94 2.46
CA GLY C 124 -18.48 11.77 1.41
C GLY C 124 -19.71 11.09 1.92
N ASP C 125 -20.87 11.49 1.43
CA ASP C 125 -22.12 10.87 1.84
C ASP C 125 -22.40 9.64 0.98
N SER C 126 -23.59 9.06 1.11
CA SER C 126 -23.89 7.80 0.38
C SER C 126 -23.94 7.91 -1.15
N THR C 127 -23.96 9.12 -1.70
CA THR C 127 -23.76 9.32 -3.15
C THR C 127 -22.41 9.96 -3.48
N LEU C 128 -21.53 9.95 -2.49
CA LEU C 128 -20.18 10.50 -2.60
C LEU C 128 -20.18 12.01 -2.88
N THR C 129 -21.23 12.68 -2.41
CA THR C 129 -21.27 14.13 -2.40
C THR C 129 -20.40 14.57 -1.23
N PRO C 130 -19.55 15.58 -1.42
CA PRO C 130 -18.74 16.06 -0.29
C PRO C 130 -19.61 16.61 0.84
N VAL C 131 -19.18 16.34 2.06
CA VAL C 131 -19.86 16.81 3.27
C VAL C 131 -18.81 17.54 4.10
N VAL C 132 -19.07 18.81 4.43
CA VAL C 132 -18.11 19.60 5.19
C VAL C 132 -18.43 19.57 6.68
N ALA C 133 -17.42 19.25 7.48
CA ALA C 133 -17.56 19.16 8.92
C ALA C 133 -17.08 20.42 9.61
N LYS C 134 -17.79 20.83 10.66
CA LYS C 134 -17.25 21.78 11.62
C LYS C 134 -16.30 21.00 12.51
N VAL C 135 -15.08 21.48 12.68
CA VAL C 135 -14.08 20.79 13.47
C VAL C 135 -13.87 21.42 14.83
N THR C 136 -13.81 20.55 15.85
CA THR C 136 -13.45 20.97 17.20
C THR C 136 -12.30 20.11 17.64
N ASN C 137 -11.21 20.77 18.00
CA ASN C 137 -10.06 20.07 18.45
C ASN C 137 -10.12 19.75 19.94
N GLY C 138 -9.25 18.84 20.36
CA GLY C 138 -9.23 18.37 21.74
C GLY C 138 -7.86 18.38 22.35
N ALA C 139 -7.73 17.61 23.43
CA ALA C 139 -6.51 17.63 24.21
C ALA C 139 -6.58 16.62 25.32
N VAL C 140 -5.40 16.26 25.81
CA VAL C 140 -5.30 15.56 27.07
C VAL C 140 -4.84 16.60 28.09
N ASN C 141 -5.69 16.89 29.06
CA ASN C 141 -5.34 17.76 30.18
C ASN C 141 -4.64 16.94 31.23
N LEU C 142 -3.39 17.30 31.51
CA LEU C 142 -2.57 16.49 32.38
C LEU C 142 -2.71 16.93 33.83
N GLU C 143 -2.99 15.95 34.69
CA GLU C 143 -3.19 16.19 36.12
C GLU C 143 -2.62 15.04 36.96
N LYS D 1 -7.32 7.87 -18.81
CA LYS D 1 -6.41 7.03 -18.03
C LYS D 1 -6.74 7.11 -16.55
N PRO D 2 -7.69 7.96 -16.20
CA PRO D 2 -8.11 8.12 -14.80
C PRO D 2 -8.45 6.78 -14.12
N GLY D 3 -7.95 6.61 -12.91
CA GLY D 3 -8.05 5.36 -12.16
C GLY D 3 -6.77 4.54 -12.17
N ASP D 4 -5.91 4.77 -13.15
CA ASP D 4 -4.74 3.90 -13.38
C ASP D 4 -3.54 4.51 -12.68
N VAL D 5 -3.55 4.42 -11.35
CA VAL D 5 -2.52 5.08 -10.58
C VAL D 5 -1.13 4.41 -10.67
N ASP D 6 -1.05 3.15 -11.09
CA ASP D 6 0.27 2.58 -11.38
C ASP D 6 0.69 2.71 -12.84
N GLY D 7 -0.15 3.36 -13.66
CA GLY D 7 0.21 3.66 -15.05
C GLY D 7 0.47 2.48 -15.95
N ASN D 8 -0.18 1.35 -15.65
CA ASN D 8 0.04 0.15 -16.45
C ASN D 8 -1.02 -0.14 -17.50
N GLY D 9 -1.96 0.78 -17.67
CA GLY D 9 -2.99 0.66 -18.73
C GLY D 9 -4.27 -0.03 -18.33
N SER D 10 -4.32 -0.56 -17.11
CA SER D 10 -5.49 -1.26 -16.61
C SER D 10 -5.90 -0.65 -15.28
N ILE D 11 -7.19 -0.69 -14.97
CA ILE D 11 -7.70 -0.23 -13.68
C ILE D 11 -8.24 -1.42 -12.91
N ASN D 12 -7.63 -1.72 -11.77
CA ASN D 12 -7.94 -2.96 -11.06
C ASN D 12 -7.60 -2.86 -9.57
N ILE D 13 -7.68 -4.01 -8.88
CA ILE D 13 -7.43 -4.08 -7.46
C ILE D 13 -6.10 -3.47 -7.05
N ASN D 14 -5.08 -3.54 -7.91
CA ASN D 14 -3.77 -3.02 -7.54
C ASN D 14 -3.72 -1.50 -7.49
N ASP D 15 -4.53 -0.85 -8.33
CA ASP D 15 -4.68 0.60 -8.25
C ASP D 15 -5.39 0.98 -6.95
N PHE D 16 -6.39 0.18 -6.55
CA PHE D 16 -7.11 0.39 -5.29
C PHE D 16 -6.16 0.25 -4.08
N ALA D 17 -5.33 -0.78 -4.13
CA ALA D 17 -4.36 -1.01 -3.06
C ALA D 17 -3.38 0.14 -2.93
N LEU D 18 -2.91 0.68 -4.06
CA LEU D 18 -2.02 1.83 -3.99
C LEU D 18 -2.70 3.04 -3.40
N MET D 19 -3.91 3.28 -3.82
CA MET D 19 -4.61 4.43 -3.28
C MET D 19 -4.86 4.28 -1.79
N ARG D 20 -5.19 3.09 -1.30
CA ARG D 20 -5.33 2.89 0.14
C ARG D 20 -4.05 3.27 0.89
N ASN D 21 -2.92 2.78 0.38
CA ASN D 21 -1.63 3.04 0.96
C ASN D 21 -1.27 4.54 0.98
N TYR D 22 -1.60 5.22 -0.12
CA TYR D 22 -1.44 6.68 -0.19
C TYR D 22 -2.26 7.38 0.89
N LEU D 23 -3.53 7.01 0.98
CA LEU D 23 -4.42 7.68 1.92
C LEU D 23 -4.07 7.42 3.38
N LEU D 24 -3.35 6.33 3.63
CA LEU D 24 -2.84 6.05 4.98
C LEU D 24 -1.48 6.69 5.27
N GLY D 25 -0.97 7.45 4.33
CA GLY D 25 0.25 8.20 4.54
C GLY D 25 1.58 7.56 4.14
N ASN D 26 1.53 6.55 3.37
CA ASN D 26 2.72 5.83 2.99
C ASN D 26 3.34 6.37 1.67
N LEU D 27 3.06 5.80 0.48
CA LEU D 27 3.63 6.26 -0.77
C LEU D 27 3.18 7.67 -1.07
N LYS D 28 4.15 8.50 -1.43
CA LYS D 28 3.94 9.91 -1.72
C LYS D 28 3.78 10.17 -3.22
N ASP D 29 4.36 9.30 -4.05
CA ASP D 29 4.39 9.46 -5.51
C ASP D 29 3.90 8.16 -6.10
N PHE D 30 2.76 8.20 -6.79
CA PHE D 30 2.24 7.02 -7.49
C PHE D 30 3.14 6.72 -8.70
N PRO D 31 3.16 5.45 -9.15
CA PRO D 31 3.98 5.15 -10.34
C PRO D 31 3.55 5.86 -11.63
N ALA D 32 2.27 6.18 -11.75
CA ALA D 32 1.78 6.94 -12.92
C ALA D 32 2.57 8.21 -13.12
N GLU D 33 2.74 8.61 -14.38
CA GLU D 33 3.47 9.84 -14.69
C GLU D 33 2.76 11.12 -14.26
N ASP D 34 1.44 11.07 -14.13
CA ASP D 34 0.65 12.23 -13.72
C ASP D 34 -0.30 11.80 -12.61
N ASP D 35 0.10 12.06 -11.36
CA ASP D 35 -0.65 11.54 -10.22
C ASP D 35 -2.09 12.06 -10.15
N ILE D 36 -2.27 13.36 -10.37
CA ILE D 36 -3.62 13.93 -10.24
C ILE D 36 -4.51 13.42 -11.36
N LYS D 37 -3.98 13.36 -12.58
CA LYS D 37 -4.76 12.84 -13.68
C LYS D 37 -5.18 11.39 -13.43
N ALA D 38 -4.28 10.59 -12.87
CA ALA D 38 -4.59 9.19 -12.60
C ALA D 38 -5.49 8.98 -11.40
N GLY D 39 -5.34 9.81 -10.37
CA GLY D 39 -6.00 9.58 -9.09
C GLY D 39 -7.27 10.36 -8.84
N ASP D 40 -7.49 11.43 -9.59
CA ASP D 40 -8.66 12.30 -9.36
C ASP D 40 -9.82 11.86 -10.26
N LEU D 41 -10.83 11.25 -9.64
CA LEU D 41 -11.94 10.66 -10.38
C LEU D 41 -13.21 11.49 -10.34
N ASN D 42 -13.17 12.65 -9.65
CA ASN D 42 -14.34 13.52 -9.56
C ASN D 42 -14.10 15.01 -9.87
N GLY D 43 -12.90 15.31 -10.34
CA GLY D 43 -12.61 16.62 -10.86
C GLY D 43 -12.28 17.73 -9.90
N ASP D 44 -12.03 17.41 -8.63
CA ASP D 44 -11.63 18.45 -7.68
C ASP D 44 -10.13 18.67 -7.62
N LYS D 45 -9.40 17.97 -8.49
CA LYS D 45 -7.95 18.12 -8.64
C LYS D 45 -7.22 17.69 -7.37
N SER D 46 -7.85 16.81 -6.59
CA SER D 46 -7.26 16.25 -5.41
C SER D 46 -7.53 14.77 -5.36
N ILE D 47 -6.64 14.04 -4.69
CA ILE D 47 -6.82 12.62 -4.47
C ILE D 47 -7.19 12.38 -3.01
N ASN D 48 -8.41 11.93 -2.76
CA ASN D 48 -8.85 11.70 -1.39
C ASN D 48 -9.82 10.55 -1.32
N SER D 49 -10.47 10.35 -0.18
CA SER D 49 -11.32 9.17 -0.01
C SER D 49 -12.51 9.14 -0.96
N LEU D 50 -12.94 10.28 -1.49
CA LEU D 50 -14.01 10.23 -2.49
C LEU D 50 -13.54 9.49 -3.72
N ASP D 51 -12.30 9.74 -4.13
CA ASP D 51 -11.73 9.03 -5.30
C ASP D 51 -11.57 7.55 -5.03
N PHE D 52 -11.16 7.22 -3.81
CA PHE D 52 -11.04 5.82 -3.36
C PHE D 52 -12.39 5.13 -3.46
N ALA D 53 -13.45 5.79 -3.00
CA ALA D 53 -14.81 5.24 -3.07
C ALA D 53 -15.30 5.08 -4.50
N ILE D 54 -15.02 6.06 -5.35
CA ILE D 54 -15.41 5.95 -6.75
C ILE D 54 -14.71 4.77 -7.41
N MET D 55 -13.44 4.60 -7.14
CA MET D 55 -12.74 3.47 -7.68
C MET D 55 -13.36 2.17 -7.17
N ARG D 56 -13.72 2.11 -5.92
CA ARG D 56 -14.40 0.93 -5.39
C ARG D 56 -15.70 0.64 -6.15
N MET D 57 -16.52 1.68 -6.37
CA MET D 57 -17.74 1.49 -7.16
C MET D 57 -17.46 0.93 -8.55
N TYR D 58 -16.40 1.42 -9.19
CA TYR D 58 -16.03 0.91 -10.50
C TYR D 58 -15.62 -0.57 -10.42
N LEU D 59 -14.83 -0.92 -9.42
CA LEU D 59 -14.37 -2.31 -9.30
C LEU D 59 -15.47 -3.26 -8.85
N LEU D 60 -16.52 -2.73 -8.24
CA LEU D 60 -17.71 -3.52 -7.92
C LEU D 60 -18.67 -3.63 -9.09
N GLY D 61 -18.41 -2.87 -10.16
CA GLY D 61 -19.30 -2.87 -11.32
C GLY D 61 -20.52 -1.97 -11.18
N MET D 62 -20.53 -1.10 -10.17
CA MET D 62 -21.69 -0.25 -9.88
C MET D 62 -21.74 0.96 -10.79
N ILE D 63 -20.57 1.35 -11.31
CA ILE D 63 -20.46 2.37 -12.34
C ILE D 63 -19.56 1.79 -13.42
N THR D 64 -19.67 2.31 -14.63
CA THR D 64 -18.89 1.77 -15.76
C THR D 64 -17.81 2.74 -16.25
N LYS D 65 -17.91 4.00 -15.83
CA LYS D 65 -17.01 5.04 -16.29
C LYS D 65 -16.88 6.06 -15.18
N PHE D 66 -15.86 6.91 -15.25
CA PHE D 66 -15.69 8.03 -14.33
C PHE D 66 -16.19 9.35 -14.93
N SER D 67 -16.41 10.34 -14.08
CA SER D 67 -16.90 11.66 -14.49
C SER D 67 -15.89 12.49 -15.27
CA CA E . -6.31 -7.84 9.01
CA CA F . 7.50 -17.09 4.16
CA CA G . 5.44 -4.39 12.84
S SCN H . -2.84 -0.99 2.02
C SCN H . -1.85 -0.10 2.72
N SCN H . -1.07 0.60 3.28
S SCN I . -10.68 -10.77 -0.73
C SCN I . -9.68 -10.12 -1.64
N SCN I . -8.91 -9.60 -2.34
C1 GOL J . -9.15 -10.21 -11.13
O1 GOL J . -8.06 -10.63 -11.98
C2 GOL J . -8.63 -9.91 -9.74
O2 GOL J . -7.92 -8.68 -9.80
C3 GOL J . -9.75 -9.79 -8.72
O3 GOL J . -9.25 -9.96 -7.38
S SCN K . -11.20 24.29 3.97
C SCN K . -12.39 24.79 3.22
N SCN K . -13.32 25.20 2.66
CA CA L . -3.34 0.11 -13.10
CA CA M . -10.80 13.89 -6.33
CA CA N . 3.96 9.71 -10.18
C1 GOL O . -8.26 22.02 -5.50
O1 GOL O . -9.38 21.24 -5.04
C2 GOL O . -6.98 21.21 -5.37
O2 GOL O . -6.64 21.17 -3.98
C3 GOL O . -5.95 21.90 -6.30
O3 GOL O . -4.62 21.61 -5.93
#